data_8DHF
#
_entry.id   8DHF
#
_cell.length_a   90.850
_cell.length_b   90.850
_cell.length_c   123.667
_cell.angle_alpha   90.000
_cell.angle_beta   90.000
_cell.angle_gamma   120.000
#
_symmetry.space_group_name_H-M   'P 32 2 1'
#
loop_
_entity.id
_entity.type
_entity.pdbx_description
1 polymer 'Dihydroorotate dehydrogenase (quinone), mitochondrial'
2 non-polymer 'FLAVIN MONONUCLEOTIDE'
3 non-polymer 'OROTIC ACID'
4 non-polymer (6M)-N-(2-chloro-6-fluorophenyl)-6-[4-ethyl-3-(hydroxymethyl)-5-oxo-4,5-dihydro-1H-1,2,4-triazol-1-yl]-5-fluoro-2-{[(2S)-1,1,1-trifluoropropan-2-yl]oxy}pyridine-3-carboxamide
5 non-polymer 'ACETATE ION'
6 non-polymer GLYCEROL
7 non-polymer 'SULFATE ION'
8 water water
#
_entity_poly.entity_id   1
_entity_poly.type   'polypeptide(L)'
_entity_poly.pdbx_seq_one_letter_code
;GAMATGDERFYAEHLMPTLQGLLDPESAHRLAVRFTSLGLLPRARFQDSDMLEVRVLGHKFRNPVGIAAGFDKHGEAVDG
LYKMGFGFVEIGSVTPKPQEGNPRPRVFRLPEDQAVINRYGFNSHGLSVVEHRLRARQQKQAKLTEDGLPLGVNLGKNKT
SVDAAEDYAEGVRVLGPLADYLVVNVSSPNTAGLRSLQGKAELRRLLTKVLQERDGLRRVHRPAVLVKIAPDLTSQDKED
IASVVKELGIDGLIVTNTTVSRPAGLQGALRSETGGLSGKPLRDLSTQTIREMYALTQGRVPIIGVGGVSSGQDALEKIR
AGASLVQLYTALTFWGPPVVGKVKRELEALLKEQGFGGVTDAIGADHRR
;
_entity_poly.pdbx_strand_id   A
#
loop_
_chem_comp.id
_chem_comp.type
_chem_comp.name
_chem_comp.formula
ACT non-polymer 'ACETATE ION' 'C2 H3 O2 -1'
FMN non-polymer 'FLAVIN MONONUCLEOTIDE' 'C17 H21 N4 O9 P'
GOL non-polymer GLYCEROL 'C3 H8 O3'
ORO non-polymer 'OROTIC ACID' 'C5 H4 N2 O4'
SO4 non-polymer 'SULFATE ION' 'O4 S -2'
T6L non-polymer (6M)-N-(2-chloro-6-fluorophenyl)-6-[4-ethyl-3-(hydroxymethyl)-5-oxo-4,5-dihydro-1H-1,2,4-triazol-1-yl]-5-fluoro-2-{[(2S)-1,1,1-trifluoropropan-2-yl]oxy}pyridine-3-carboxamide 'C20 H17 Cl F5 N5 O4'
#
# COMPACT_ATOMS: atom_id res chain seq x y z
N ALA A 4 8.58 17.57 -17.73
CA ALA A 4 9.00 16.12 -17.64
C ALA A 4 10.45 15.91 -18.07
N THR A 5 11.13 14.99 -17.37
CA THR A 5 12.55 14.68 -17.62
C THR A 5 12.71 13.81 -18.87
N GLY A 6 13.96 13.67 -19.32
CA GLY A 6 14.32 12.76 -20.41
C GLY A 6 14.01 11.30 -20.09
N ASP A 7 14.43 10.87 -18.89
CA ASP A 7 14.16 9.51 -18.38
C ASP A 7 12.67 9.16 -18.32
N GLU A 8 11.83 10.09 -17.83
CA GLU A 8 10.37 9.81 -17.69
C GLU A 8 9.74 9.41 -19.02
N ARG A 9 10.04 10.21 -20.04
CA ARG A 9 9.57 9.96 -21.41
C ARG A 9 10.14 8.69 -22.01
N PHE A 10 11.45 8.47 -21.87
CA PHE A 10 12.12 7.28 -22.41
C PHE A 10 11.58 5.99 -21.82
N TYR A 11 11.44 5.95 -20.50
CA TYR A 11 10.89 4.79 -19.81
C TYR A 11 9.43 4.49 -20.22
N ALA A 12 8.60 5.54 -20.23
CA ALA A 12 7.16 5.41 -20.52
C ALA A 12 6.86 5.06 -21.99
N GLU A 13 7.58 5.72 -22.91
CA GLU A 13 7.31 5.59 -24.35
C GLU A 13 8.04 4.43 -25.03
N HIS A 14 9.20 4.03 -24.50
CA HIS A 14 10.09 3.05 -25.18
C HIS A 14 10.52 1.87 -24.32
N LEU A 15 11.13 2.11 -23.15
CA LEU A 15 11.74 1.02 -22.39
C LEU A 15 10.71 0.09 -21.77
N MET A 16 9.72 0.65 -21.07
CA MET A 16 8.70 -0.18 -20.42
C MET A 16 7.82 -0.97 -21.43
N PRO A 17 7.27 -0.31 -22.49
CA PRO A 17 6.54 -1.08 -23.51
C PRO A 17 7.34 -2.24 -24.13
N THR A 18 8.65 -2.03 -24.33
CA THR A 18 9.53 -3.04 -24.93
C THR A 18 9.76 -4.20 -23.97
N LEU A 19 10.12 -3.89 -22.73
CA LEU A 19 10.36 -4.93 -21.72
C LEU A 19 9.11 -5.73 -21.40
N GLN A 20 7.97 -5.05 -21.26
CA GLN A 20 6.70 -5.72 -21.02
C GLN A 20 6.24 -6.56 -22.23
N GLY A 21 6.58 -6.13 -23.45
CA GLY A 21 6.36 -6.93 -24.64
C GLY A 21 7.19 -8.20 -24.76
N LEU A 22 8.34 -8.26 -24.10
CA LEU A 22 9.26 -9.42 -24.13
C LEU A 22 9.09 -10.41 -22.98
N LEU A 23 8.45 -9.98 -21.89
CA LEU A 23 8.38 -10.78 -20.69
C LEU A 23 6.91 -11.10 -20.47
N ASP A 24 6.65 -12.29 -19.89
CA ASP A 24 5.37 -12.53 -19.16
C ASP A 24 5.32 -11.64 -17.90
N PRO A 25 4.08 -11.32 -17.39
CA PRO A 25 3.93 -10.34 -16.28
C PRO A 25 4.61 -10.74 -14.96
N GLU A 26 4.58 -12.02 -14.63
CA GLU A 26 5.24 -12.49 -13.39
C GLU A 26 6.77 -12.45 -13.49
N SER A 27 7.34 -12.77 -14.66
CA SER A 27 8.79 -12.58 -14.89
C SER A 27 9.19 -11.12 -14.76
N ALA A 28 8.36 -10.21 -15.28
CA ALA A 28 8.61 -8.77 -15.18
C ALA A 28 8.69 -8.33 -13.70
N HIS A 29 7.74 -8.81 -12.90
CA HIS A 29 7.70 -8.59 -11.45
C HIS A 29 8.99 -9.10 -10.78
N ARG A 30 9.34 -10.36 -11.00
CA ARG A 30 10.54 -10.97 -10.39
CA ARG A 30 10.54 -10.99 -10.41
C ARG A 30 11.82 -10.22 -10.76
N LEU A 31 11.98 -9.90 -12.05
CA LEU A 31 13.15 -9.11 -12.49
C LEU A 31 13.21 -7.70 -11.85
N ALA A 32 12.06 -7.05 -11.71
CA ALA A 32 11.95 -5.75 -11.05
C ALA A 32 12.42 -5.79 -9.60
N VAL A 33 11.99 -6.84 -8.88
CA VAL A 33 12.40 -7.06 -7.50
C VAL A 33 13.93 -7.26 -7.44
N ARG A 34 14.46 -8.09 -8.34
CA ARG A 34 15.90 -8.34 -8.38
C ARG A 34 16.72 -7.08 -8.67
N PHE A 35 16.34 -6.34 -9.72
CA PHE A 35 17.04 -5.08 -10.08
C PHE A 35 17.01 -4.05 -8.95
N THR A 36 15.83 -3.89 -8.34
CA THR A 36 15.63 -2.95 -7.25
C THR A 36 16.46 -3.37 -6.04
N SER A 37 16.46 -4.67 -5.72
CA SER A 37 17.25 -5.20 -4.59
C SER A 37 18.76 -4.92 -4.70
N LEU A 38 19.28 -4.95 -5.93
CA LEU A 38 20.66 -4.59 -6.23
C LEU A 38 20.95 -3.09 -6.41
N GLY A 39 19.94 -2.22 -6.31
CA GLY A 39 20.11 -0.77 -6.51
C GLY A 39 20.42 -0.34 -7.95
N LEU A 40 20.03 -1.15 -8.93
CA LEU A 40 20.31 -0.85 -10.34
C LEU A 40 19.23 0.10 -10.85
N LEU A 41 19.35 1.38 -10.51
CA LEU A 41 18.28 2.39 -10.70
C LEU A 41 18.82 3.75 -11.13
N PRO A 42 18.04 4.55 -11.90
CA PRO A 42 18.41 5.96 -12.19
C PRO A 42 18.61 6.84 -10.96
N GLN A 47 16.42 15.73 -4.34
CA GLN A 47 16.15 16.13 -2.95
C GLN A 47 14.66 16.51 -2.74
N ASP A 48 14.02 15.89 -1.73
CA ASP A 48 12.62 16.20 -1.37
C ASP A 48 12.58 17.57 -0.66
N SER A 49 11.69 18.47 -1.11
CA SER A 49 11.46 19.72 -0.39
C SER A 49 10.68 19.45 0.90
N ASP A 50 10.87 20.34 1.87
CA ASP A 50 10.19 20.32 3.17
C ASP A 50 8.66 20.42 3.10
N MET A 51 8.13 20.97 2.01
CA MET A 51 6.68 20.95 1.71
C MET A 51 6.08 19.55 1.67
N LEU A 52 6.88 18.53 1.33
CA LEU A 52 6.42 17.16 1.27
C LEU A 52 6.46 16.38 2.57
N GLU A 53 7.08 16.92 3.63
CA GLU A 53 7.15 16.23 4.90
C GLU A 53 5.78 16.13 5.55
N VAL A 54 5.47 14.95 6.09
CA VAL A 54 4.24 14.71 6.87
C VAL A 54 4.65 14.05 8.19
N ARG A 55 4.06 14.49 9.31
CA ARG A 55 4.17 13.81 10.61
C ARG A 55 2.85 13.13 10.95
N VAL A 56 2.85 11.81 10.98
CA VAL A 56 1.65 11.00 11.24
C VAL A 56 2.06 9.61 11.79
N LEU A 57 1.14 8.90 12.45
CA LEU A 57 1.35 7.49 12.88
C LEU A 57 2.58 7.33 13.83
N GLY A 58 2.90 8.38 14.58
CA GLY A 58 4.09 8.42 15.43
C GLY A 58 5.44 8.53 14.75
N HIS A 59 5.48 8.99 13.48
CA HIS A 59 6.71 9.10 12.69
C HIS A 59 6.75 10.33 11.73
N LYS A 60 7.96 10.69 11.33
CA LYS A 60 8.24 11.65 10.26
C LYS A 60 8.27 10.85 8.96
N PHE A 61 7.65 11.39 7.91
CA PHE A 61 7.72 10.83 6.55
C PHE A 61 8.29 11.95 5.70
N ARG A 62 9.47 11.76 5.11
CA ARG A 62 10.09 12.86 4.36
C ARG A 62 9.34 13.22 3.08
N ASN A 63 8.64 12.25 2.49
CA ASN A 63 7.63 12.54 1.47
C ASN A 63 6.45 11.60 1.65
N PRO A 64 5.26 11.93 1.07
CA PRO A 64 4.05 11.14 1.34
C PRO A 64 3.78 9.99 0.36
N VAL A 65 4.75 9.65 -0.50
CA VAL A 65 4.54 8.68 -1.61
C VAL A 65 5.25 7.37 -1.24
N GLY A 66 4.45 6.35 -0.96
CA GLY A 66 4.91 5.00 -0.61
C GLY A 66 4.71 3.96 -1.70
N ILE A 67 5.46 2.87 -1.60
CA ILE A 67 5.23 1.67 -2.41
C ILE A 67 4.19 0.82 -1.67
N ALA A 68 3.13 0.48 -2.39
CA ALA A 68 2.04 -0.34 -1.85
C ALA A 68 2.50 -1.79 -1.67
N ALA A 69 1.84 -2.51 -0.76
CA ALA A 69 2.03 -3.95 -0.59
C ALA A 69 1.82 -4.69 -1.93
N GLY A 70 2.55 -5.80 -2.09
CA GLY A 70 2.44 -6.64 -3.27
C GLY A 70 3.64 -6.63 -4.17
N PHE A 71 4.33 -5.49 -4.24
CA PHE A 71 5.52 -5.40 -5.08
C PHE A 71 6.65 -6.22 -4.45
N ASP A 72 6.93 -5.91 -3.19
CA ASP A 72 7.94 -6.62 -2.40
C ASP A 72 7.27 -7.43 -1.31
N LYS A 73 6.72 -8.57 -1.70
CA LYS A 73 5.97 -9.44 -0.78
C LYS A 73 6.83 -10.03 0.32
N HIS A 74 8.12 -10.29 0.02
CA HIS A 74 8.97 -11.06 0.91
C HIS A 74 10.12 -10.22 1.53
N GLY A 75 10.05 -8.89 1.40
CA GLY A 75 11.05 -8.00 2.00
C GLY A 75 12.45 -8.11 1.41
N GLU A 76 12.52 -8.30 0.11
CA GLU A 76 13.79 -8.52 -0.60
C GLU A 76 14.43 -7.24 -1.17
N ALA A 77 13.67 -6.15 -1.27
CA ALA A 77 14.09 -4.98 -2.05
C ALA A 77 13.92 -3.66 -1.30
N VAL A 78 13.94 -3.68 0.04
CA VAL A 78 13.53 -2.53 0.84
C VAL A 78 14.45 -1.32 0.58
N ASP A 79 15.76 -1.55 0.66
CA ASP A 79 16.74 -0.47 0.48
C ASP A 79 16.71 0.15 -0.94
N GLY A 80 16.54 -0.69 -1.95
CA GLY A 80 16.36 -0.22 -3.32
C GLY A 80 15.12 0.63 -3.52
N LEU A 81 14.05 0.28 -2.81
CA LEU A 81 12.80 1.06 -2.87
C LEU A 81 12.98 2.47 -2.27
N TYR A 82 13.70 2.59 -1.16
CA TYR A 82 14.11 3.93 -0.66
C TYR A 82 14.97 4.68 -1.67
N LYS A 83 15.93 4.00 -2.30
CA LYS A 83 16.77 4.60 -3.35
C LYS A 83 15.95 5.11 -4.55
N MET A 84 14.86 4.43 -4.87
CA MET A 84 13.92 4.86 -5.93
C MET A 84 13.16 6.17 -5.60
N GLY A 85 13.15 6.58 -4.33
CA GLY A 85 12.57 7.85 -3.90
C GLY A 85 11.32 7.75 -3.05
N PHE A 86 10.85 6.54 -2.72
CA PHE A 86 9.65 6.37 -1.89
C PHE A 86 9.92 6.90 -0.48
N GLY A 87 8.96 7.66 0.05
CA GLY A 87 9.01 8.18 1.42
C GLY A 87 8.80 7.12 2.51
N PHE A 88 8.22 5.99 2.12
CA PHE A 88 8.04 4.84 3.00
C PHE A 88 7.80 3.60 2.17
N VAL A 89 8.10 2.46 2.77
CA VAL A 89 8.00 1.17 2.11
C VAL A 89 7.08 0.27 2.90
N GLU A 90 6.16 -0.40 2.21
CA GLU A 90 5.33 -1.46 2.80
C GLU A 90 5.68 -2.77 2.14
N ILE A 91 6.08 -3.75 2.94
CA ILE A 91 6.32 -5.11 2.42
C ILE A 91 5.13 -6.00 2.74
N GLY A 92 5.10 -7.16 2.09
CA GLY A 92 4.02 -8.12 2.29
C GLY A 92 3.00 -8.16 1.16
N SER A 93 1.90 -8.90 1.31
CA SER A 93 1.50 -9.59 2.55
C SER A 93 2.37 -10.81 2.90
N VAL A 94 2.65 -10.98 4.18
CA VAL A 94 3.42 -12.11 4.70
C VAL A 94 2.50 -13.01 5.48
N THR A 95 2.48 -14.31 5.14
CA THR A 95 1.66 -15.32 5.84
C THR A 95 2.51 -16.04 6.90
N PRO A 96 1.88 -16.64 7.94
CA PRO A 96 2.68 -17.35 8.96
C PRO A 96 3.64 -18.42 8.44
N LYS A 97 3.10 -19.37 7.68
CA LYS A 97 3.88 -20.44 7.05
C LYS A 97 4.09 -20.04 5.60
N PRO A 98 5.18 -20.55 4.99
CA PRO A 98 5.35 -20.33 3.55
C PRO A 98 4.19 -20.96 2.77
N GLN A 99 3.80 -20.34 1.67
CA GLN A 99 2.84 -20.96 0.76
C GLN A 99 3.05 -20.45 -0.65
N GLU A 100 2.70 -21.30 -1.61
CA GLU A 100 2.97 -21.04 -3.02
C GLU A 100 2.03 -20.06 -3.73
N GLY A 101 0.82 -19.88 -3.19
CA GLY A 101 -0.22 -19.09 -3.86
C GLY A 101 -0.96 -19.90 -4.91
N ASN A 102 -1.67 -19.20 -5.79
CA ASN A 102 -2.51 -19.82 -6.80
C ASN A 102 -1.70 -20.35 -7.97
N PRO A 103 -2.27 -21.30 -8.75
CA PRO A 103 -1.60 -21.74 -9.99
C PRO A 103 -1.47 -20.63 -11.01
N ARG A 104 -0.43 -20.72 -11.84
CA ARG A 104 -0.23 -19.80 -12.96
C ARG A 104 -1.13 -20.16 -14.15
N PRO A 105 -1.56 -19.22 -15.00
CA PRO A 105 -1.26 -17.79 -14.91
C PRO A 105 -2.08 -17.11 -13.82
N ARG A 106 -1.49 -16.09 -13.19
CA ARG A 106 -2.12 -15.37 -12.11
C ARG A 106 -1.85 -13.85 -12.08
N VAL A 107 -1.27 -13.29 -13.16
CA VAL A 107 -1.08 -11.83 -13.30
C VAL A 107 -1.32 -11.49 -14.77
N PHE A 108 -2.10 -10.43 -15.01
CA PHE A 108 -2.62 -10.10 -16.35
C PHE A 108 -2.53 -8.60 -16.54
N ARG A 109 -1.97 -8.18 -17.69
CA ARG A 109 -1.82 -6.75 -18.01
C ARG A 109 -3.00 -6.34 -18.86
N LEU A 110 -3.55 -5.15 -18.58
CA LEU A 110 -4.62 -4.54 -19.38
C LEU A 110 -4.09 -3.16 -19.83
N PRO A 111 -3.14 -3.17 -20.79
CA PRO A 111 -2.47 -1.88 -21.17
C PRO A 111 -3.42 -0.77 -21.67
N GLU A 112 -4.50 -1.15 -22.36
CA GLU A 112 -5.51 -0.22 -22.86
C GLU A 112 -6.24 0.54 -21.72
N ASP A 113 -6.29 -0.07 -20.54
CA ASP A 113 -6.94 0.51 -19.37
C ASP A 113 -5.93 1.04 -18.37
N GLN A 114 -4.61 0.92 -18.64
CA GLN A 114 -3.55 1.15 -17.64
C GLN A 114 -3.85 0.45 -16.30
N ALA A 115 -4.18 -0.84 -16.42
CA ALA A 115 -4.64 -1.64 -15.31
C ALA A 115 -3.93 -2.98 -15.29
N VAL A 116 -3.96 -3.62 -14.14
CA VAL A 116 -3.53 -5.00 -13.95
C VAL A 116 -4.66 -5.75 -13.25
N ILE A 117 -4.79 -7.04 -13.55
CA ILE A 117 -5.56 -7.97 -12.70
C ILE A 117 -4.59 -9.01 -12.12
N ASN A 118 -4.67 -9.27 -10.82
CA ASN A 118 -3.85 -10.33 -10.22
C ASN A 118 -4.70 -11.25 -9.33
N ARG A 119 -4.29 -12.52 -9.27
CA ARG A 119 -4.82 -13.49 -8.33
C ARG A 119 -3.63 -14.30 -7.78
N TYR A 120 -2.61 -13.61 -7.27
CA TYR A 120 -1.43 -14.29 -6.72
C TYR A 120 -1.78 -15.32 -5.63
N GLY A 121 -2.75 -14.97 -4.76
CA GLY A 121 -3.21 -15.84 -3.68
C GLY A 121 -2.27 -15.91 -2.48
N PHE A 122 -1.65 -14.78 -2.15
CA PHE A 122 -0.76 -14.64 -1.00
C PHE A 122 0.39 -15.64 -1.02
N ASN A 123 1.07 -15.69 -2.16
CA ASN A 123 2.36 -16.38 -2.24
C ASN A 123 3.30 -15.68 -1.25
N SER A 124 3.94 -16.45 -0.38
CA SER A 124 4.76 -15.88 0.69
C SER A 124 5.86 -16.82 1.10
N HIS A 125 7.03 -16.25 1.36
CA HIS A 125 8.15 -16.98 1.96
C HIS A 125 7.93 -17.31 3.44
N GLY A 126 6.93 -16.67 4.07
CA GLY A 126 6.55 -16.97 5.43
C GLY A 126 7.22 -16.05 6.42
N LEU A 127 6.67 -15.96 7.64
CA LEU A 127 7.18 -15.06 8.67
C LEU A 127 8.66 -15.27 9.06
N SER A 128 9.09 -16.52 9.21
CA SER A 128 10.45 -16.82 9.64
CA SER A 128 10.46 -16.85 9.64
C SER A 128 11.52 -16.30 8.68
N VAL A 129 11.33 -16.55 7.39
CA VAL A 129 12.27 -16.05 6.37
C VAL A 129 12.30 -14.51 6.37
N VAL A 130 11.12 -13.88 6.36
CA VAL A 130 11.01 -12.43 6.36
C VAL A 130 11.62 -11.85 7.66
N GLU A 131 11.33 -12.45 8.81
CA GLU A 131 11.94 -12.09 10.12
CA GLU A 131 11.92 -12.03 10.09
C GLU A 131 13.46 -11.99 10.00
N HIS A 132 14.07 -13.05 9.48
CA HIS A 132 15.55 -13.10 9.37
C HIS A 132 16.10 -12.06 8.38
N ARG A 133 15.38 -11.86 7.30
CA ARG A 133 15.72 -10.82 6.32
C ARG A 133 15.69 -9.41 6.94
N LEU A 134 14.62 -9.10 7.66
CA LEU A 134 14.52 -7.80 8.37
C LEU A 134 15.50 -7.64 9.53
N ARG A 135 15.74 -8.71 10.29
CA ARG A 135 16.73 -8.66 11.37
C ARG A 135 18.13 -8.30 10.89
N ALA A 136 18.48 -8.78 9.71
CA ALA A 136 19.81 -8.55 9.12
C ALA A 136 20.11 -7.08 8.81
N ARG A 137 19.07 -6.25 8.66
CA ARG A 137 19.19 -4.82 8.34
C ARG A 137 18.44 -3.90 9.35
N GLN A 138 18.17 -4.41 10.55
CA GLN A 138 17.29 -3.76 11.53
C GLN A 138 17.86 -2.42 12.02
N GLN A 139 19.17 -2.34 12.24
CA GLN A 139 19.81 -1.07 12.63
C GLN A 139 19.84 -0.03 11.52
N LYS A 140 20.09 -0.48 10.29
CA LYS A 140 19.98 0.39 9.11
C LYS A 140 18.56 0.95 9.00
N GLN A 141 17.55 0.09 9.22
CA GLN A 141 16.16 0.56 9.22
C GLN A 141 15.87 1.55 10.34
N ALA A 142 16.39 1.29 11.53
CA ALA A 142 16.27 2.26 12.64
C ALA A 142 16.78 3.66 12.29
N LYS A 143 17.90 3.74 11.57
CA LYS A 143 18.44 5.03 11.08
C LYS A 143 17.57 5.64 9.98
N LEU A 144 17.12 4.81 9.04
CA LEU A 144 16.20 5.24 7.99
C LEU A 144 14.91 5.83 8.54
N THR A 145 14.31 5.14 9.50
CA THR A 145 13.10 5.60 10.18
C THR A 145 13.32 6.95 10.89
N GLU A 146 14.41 7.06 11.64
CA GLU A 146 14.82 8.34 12.26
C GLU A 146 14.99 9.49 11.27
N ASP A 147 15.48 9.17 10.06
CA ASP A 147 15.66 10.13 8.97
C ASP A 147 14.40 10.37 8.11
N GLY A 148 13.23 9.86 8.53
CA GLY A 148 11.97 10.10 7.88
C GLY A 148 11.59 9.11 6.80
N LEU A 149 12.13 7.87 6.89
CA LEU A 149 11.86 6.80 5.90
C LEU A 149 11.35 5.50 6.58
N PRO A 150 10.06 5.51 7.03
CA PRO A 150 9.54 4.35 7.77
C PRO A 150 9.25 3.10 6.94
N LEU A 151 9.13 1.98 7.67
CA LEU A 151 8.81 0.66 7.14
C LEU A 151 7.51 0.12 7.70
N GLY A 152 6.63 -0.35 6.79
CA GLY A 152 5.42 -1.04 7.12
C GLY A 152 5.49 -2.50 6.69
N VAL A 153 4.76 -3.34 7.41
CA VAL A 153 4.66 -4.77 7.13
C VAL A 153 3.19 -5.15 7.09
N ASN A 154 2.78 -5.72 5.97
CA ASN A 154 1.42 -6.12 5.75
C ASN A 154 1.32 -7.62 6.04
N LEU A 155 0.43 -8.00 6.96
CA LEU A 155 0.27 -9.37 7.42
C LEU A 155 -0.91 -10.04 6.75
N GLY A 156 -0.74 -11.28 6.32
CA GLY A 156 -1.85 -12.09 5.78
C GLY A 156 -2.04 -13.37 6.57
N LYS A 157 -2.92 -14.20 6.05
CA LYS A 157 -3.24 -15.49 6.66
C LYS A 157 -3.03 -16.61 5.66
N ASN A 158 -2.66 -17.78 6.19
CA ASN A 158 -2.52 -18.97 5.35
C ASN A 158 -3.87 -19.46 4.81
N LYS A 159 -3.83 -20.08 3.63
CA LYS A 159 -5.01 -20.59 2.93
C LYS A 159 -5.85 -21.55 3.79
N THR A 160 -5.17 -22.44 4.52
CA THR A 160 -5.82 -23.50 5.31
C THR A 160 -6.11 -23.14 6.78
N SER A 161 -5.93 -21.88 7.18
CA SER A 161 -6.08 -21.51 8.61
C SER A 161 -7.56 -21.47 9.03
N VAL A 162 -7.85 -22.03 10.20
CA VAL A 162 -9.20 -22.05 10.79
C VAL A 162 -9.60 -20.74 11.48
N ASP A 163 -8.62 -20.05 12.10
CA ASP A 163 -8.84 -18.79 12.81
C ASP A 163 -7.87 -17.72 12.33
N ALA A 164 -8.40 -16.76 11.56
CA ALA A 164 -7.64 -15.60 11.08
C ALA A 164 -6.91 -14.81 12.19
N ALA A 165 -7.56 -14.66 13.34
CA ALA A 165 -6.98 -13.96 14.49
C ALA A 165 -5.66 -14.59 14.96
N GLU A 166 -5.56 -15.93 14.92
CA GLU A 166 -4.32 -16.63 15.28
C GLU A 166 -3.20 -16.30 14.29
N ASP A 167 -3.49 -16.31 12.98
CA ASP A 167 -2.50 -15.97 11.95
C ASP A 167 -1.99 -14.55 12.12
N TYR A 168 -2.91 -13.59 12.28
CA TYR A 168 -2.51 -12.18 12.44
C TYR A 168 -1.76 -11.98 13.78
N ALA A 169 -2.19 -12.64 14.85
CA ALA A 169 -1.47 -12.59 16.14
C ALA A 169 -0.01 -13.06 15.98
N GLU A 170 0.19 -14.19 15.29
CA GLU A 170 1.55 -14.70 14.98
C GLU A 170 2.39 -13.65 14.25
N GLY A 171 1.81 -13.01 13.23
CA GLY A 171 2.47 -11.92 12.50
C GLY A 171 2.85 -10.73 13.37
N VAL A 172 1.95 -10.33 14.27
CA VAL A 172 2.25 -9.25 15.25
C VAL A 172 3.45 -9.64 16.12
N ARG A 173 3.43 -10.85 16.66
CA ARG A 173 4.51 -11.32 17.54
C ARG A 173 5.89 -11.35 16.85
N VAL A 174 5.92 -11.80 15.60
CA VAL A 174 7.17 -12.08 14.88
C VAL A 174 7.69 -10.81 14.18
N LEU A 175 6.83 -10.12 13.43
CA LEU A 175 7.24 -8.96 12.63
C LEU A 175 6.90 -7.60 13.21
N GLY A 176 5.96 -7.54 14.16
CA GLY A 176 5.68 -6.32 14.88
C GLY A 176 6.89 -5.59 15.45
N PRO A 177 7.84 -6.33 16.06
CA PRO A 177 9.06 -5.65 16.60
C PRO A 177 10.04 -5.08 15.53
N LEU A 178 9.84 -5.41 14.26
CA LEU A 178 10.69 -4.98 13.16
C LEU A 178 10.03 -3.94 12.25
N ALA A 179 8.82 -3.51 12.60
CA ALA A 179 7.99 -2.65 11.74
C ALA A 179 7.66 -1.33 12.43
N ASP A 180 7.58 -0.24 11.67
CA ASP A 180 6.99 1.00 12.18
C ASP A 180 5.48 0.95 12.22
N TYR A 181 4.87 0.26 11.24
CA TYR A 181 3.46 -0.04 11.28
C TYR A 181 3.19 -1.43 10.72
N LEU A 182 2.09 -2.00 11.19
CA LEU A 182 1.56 -3.26 10.71
C LEU A 182 0.21 -2.98 10.03
N VAL A 183 -0.11 -3.81 9.04
CA VAL A 183 -1.39 -3.74 8.33
C VAL A 183 -2.08 -5.10 8.41
N VAL A 184 -3.36 -5.08 8.77
CA VAL A 184 -4.29 -6.22 8.72
CA VAL A 184 -4.20 -6.26 8.58
C VAL A 184 -5.29 -5.97 7.56
N ASN A 185 -5.41 -6.88 6.56
CA ASN A 185 -6.50 -6.79 5.51
C ASN A 185 -7.84 -7.32 6.07
N VAL A 186 -8.91 -6.56 5.85
CA VAL A 186 -10.25 -6.88 6.33
C VAL A 186 -11.16 -7.02 5.10
N SER A 187 -11.93 -8.11 5.04
CA SER A 187 -12.99 -8.35 4.02
C SER A 187 -14.36 -8.00 4.59
N SER A 188 -15.34 -7.89 3.68
CA SER A 188 -16.75 -7.57 3.98
C SER A 188 -17.31 -8.38 5.18
N PRO A 189 -17.46 -7.74 6.39
CA PRO A 189 -17.92 -8.52 7.56
C PRO A 189 -19.36 -9.05 7.46
N ASN A 190 -20.25 -8.29 6.82
CA ASN A 190 -21.65 -8.70 6.63
C ASN A 190 -21.87 -9.73 5.49
N THR A 191 -20.91 -9.85 4.57
CA THR A 191 -20.93 -10.89 3.51
C THR A 191 -19.55 -11.53 3.38
N GLY A 199 -20.78 -10.62 12.00
CA GLY A 199 -19.92 -9.86 11.12
C GLY A 199 -19.10 -8.80 11.85
N LYS A 200 -19.80 -7.85 12.47
CA LYS A 200 -19.17 -6.73 13.17
C LYS A 200 -18.49 -7.20 14.47
N ALA A 201 -19.19 -8.03 15.24
CA ALA A 201 -18.63 -8.71 16.42
C ALA A 201 -17.35 -9.53 16.12
N GLU A 202 -17.31 -10.17 14.96
CA GLU A 202 -16.16 -10.94 14.48
C GLU A 202 -14.95 -10.03 14.14
N LEU A 203 -15.23 -8.90 13.51
CA LEU A 203 -14.20 -7.88 13.24
C LEU A 203 -13.62 -7.28 14.53
N ARG A 204 -14.52 -6.94 15.46
CA ARG A 204 -14.15 -6.46 16.79
C ARG A 204 -13.25 -7.47 17.52
N ARG A 205 -13.64 -8.74 17.49
CA ARG A 205 -12.85 -9.84 18.09
C ARG A 205 -11.44 -9.90 17.49
N LEU A 206 -11.39 -9.88 16.16
CA LEU A 206 -10.14 -9.95 15.41
C LEU A 206 -9.20 -8.80 15.77
N LEU A 207 -9.70 -7.57 15.68
CA LEU A 207 -8.87 -6.40 15.93
C LEU A 207 -8.51 -6.20 17.40
N THR A 208 -9.40 -6.63 18.31
CA THR A 208 -9.07 -6.68 19.73
C THR A 208 -7.83 -7.57 20.00
N LYS A 209 -7.81 -8.78 19.43
CA LYS A 209 -6.67 -9.70 19.61
C LYS A 209 -5.38 -9.11 19.03
N VAL A 210 -5.46 -8.53 17.83
CA VAL A 210 -4.31 -7.88 17.18
C VAL A 210 -3.72 -6.77 18.10
N LEU A 211 -4.57 -5.88 18.59
CA LEU A 211 -4.16 -4.78 19.46
C LEU A 211 -3.61 -5.25 20.82
N GLN A 212 -4.22 -6.27 21.41
CA GLN A 212 -3.71 -6.88 22.67
C GLN A 212 -2.28 -7.45 22.44
N GLU A 213 -2.10 -8.17 21.32
CA GLU A 213 -0.79 -8.70 20.94
C GLU A 213 0.23 -7.57 20.74
N ARG A 214 -0.18 -6.51 20.01
CA ARG A 214 0.65 -5.35 19.76
C ARG A 214 1.08 -4.65 21.07
N ASP A 215 0.11 -4.45 21.96
CA ASP A 215 0.36 -3.82 23.26
C ASP A 215 1.28 -4.62 24.18
N GLY A 216 1.39 -5.92 23.93
CA GLY A 216 2.37 -6.79 24.58
C GLY A 216 3.83 -6.60 24.20
N LEU A 217 4.12 -5.89 23.11
CA LEU A 217 5.49 -5.63 22.68
C LEU A 217 6.12 -4.49 23.43
N ARG A 218 7.41 -4.59 23.71
CA ARG A 218 8.17 -3.54 24.40
C ARG A 218 8.00 -2.20 23.68
N ARG A 219 7.85 -1.11 24.46
CA ARG A 219 7.43 0.20 23.88
C ARG A 219 8.29 0.68 22.72
N VAL A 220 9.60 0.47 22.84
CA VAL A 220 10.57 0.82 21.78
C VAL A 220 10.35 0.06 20.45
N HIS A 221 9.74 -1.12 20.50
CA HIS A 221 9.45 -1.93 19.31
C HIS A 221 7.94 -2.16 19.12
N ARG A 222 7.13 -1.15 19.44
CA ARG A 222 5.68 -1.27 19.41
C ARG A 222 5.13 -0.53 18.18
N PRO A 223 4.67 -1.28 17.16
CA PRO A 223 4.25 -0.62 15.92
C PRO A 223 2.83 -0.03 15.97
N ALA A 224 2.55 0.93 15.08
CA ALA A 224 1.16 1.33 14.79
C ALA A 224 0.45 0.15 14.08
N VAL A 225 -0.88 0.03 14.27
CA VAL A 225 -1.71 -0.97 13.58
C VAL A 225 -2.73 -0.26 12.68
N LEU A 226 -2.73 -0.63 11.39
CA LEU A 226 -3.67 -0.12 10.40
C LEU A 226 -4.51 -1.27 9.83
N VAL A 227 -5.72 -0.94 9.41
CA VAL A 227 -6.64 -1.88 8.75
C VAL A 227 -6.71 -1.47 7.27
N LYS A 228 -6.52 -2.44 6.37
CA LYS A 228 -6.62 -2.19 4.92
C LYS A 228 -7.93 -2.77 4.42
N ILE A 229 -8.68 -1.98 3.66
CA ILE A 229 -9.98 -2.37 3.16
C ILE A 229 -9.99 -2.41 1.65
N ALA A 230 -10.84 -3.26 1.11
CA ALA A 230 -11.16 -3.24 -0.31
C ALA A 230 -12.19 -2.13 -0.59
N PRO A 231 -12.36 -1.75 -1.86
CA PRO A 231 -13.49 -0.89 -2.22
C PRO A 231 -14.83 -1.62 -2.34
N ASP A 232 -14.84 -2.95 -2.25
CA ASP A 232 -16.02 -3.79 -2.47
C ASP A 232 -16.63 -4.10 -1.09
N LEU A 233 -17.23 -3.04 -0.56
CA LEU A 233 -17.87 -3.05 0.76
C LEU A 233 -19.20 -2.37 0.63
N THR A 234 -20.20 -2.87 1.35
CA THR A 234 -21.48 -2.17 1.42
C THR A 234 -21.35 -0.90 2.29
N SER A 235 -22.34 -0.02 2.20
CA SER A 235 -22.41 1.16 3.09
C SER A 235 -22.43 0.73 4.58
N GLN A 236 -23.17 -0.35 4.88
CA GLN A 236 -23.19 -0.93 6.22
C GLN A 236 -21.82 -1.43 6.68
N ASP A 237 -21.08 -2.10 5.79
CA ASP A 237 -19.72 -2.58 6.08
C ASP A 237 -18.80 -1.39 6.48
N LYS A 238 -18.87 -0.32 5.69
CA LYS A 238 -18.03 0.87 5.94
C LYS A 238 -18.35 1.57 7.27
N GLU A 239 -19.65 1.71 7.55
CA GLU A 239 -20.11 2.26 8.86
CA GLU A 239 -20.15 2.23 8.84
C GLU A 239 -19.62 1.42 10.03
N ASP A 240 -19.70 0.09 9.88
CA ASP A 240 -19.27 -0.87 10.91
C ASP A 240 -17.75 -0.84 11.15
N ILE A 241 -16.98 -0.81 10.06
CA ILE A 241 -15.52 -0.67 10.11
C ILE A 241 -15.08 0.63 10.81
N ALA A 242 -15.70 1.74 10.43
CA ALA A 242 -15.40 3.04 11.04
C ALA A 242 -15.67 3.02 12.54
N SER A 243 -16.82 2.47 12.92
CA SER A 243 -17.22 2.37 14.32
C SER A 243 -16.21 1.55 15.15
N VAL A 244 -15.83 0.38 14.65
CA VAL A 244 -14.91 -0.52 15.35
C VAL A 244 -13.50 0.11 15.48
N VAL A 245 -13.03 0.72 14.38
CA VAL A 245 -11.74 1.43 14.32
C VAL A 245 -11.63 2.51 15.39
N LYS A 246 -12.65 3.35 15.50
CA LYS A 246 -12.72 4.37 16.59
C LYS A 246 -12.87 3.80 17.98
N GLU A 247 -13.74 2.80 18.16
CA GLU A 247 -13.95 2.16 19.47
C GLU A 247 -12.64 1.55 20.02
N LEU A 248 -11.89 0.87 19.18
CA LEU A 248 -10.69 0.14 19.62
C LEU A 248 -9.40 0.95 19.62
N GLY A 249 -9.38 2.12 19.01
CA GLY A 249 -8.16 2.89 18.83
C GLY A 249 -7.21 2.35 17.80
N ILE A 250 -7.73 1.78 16.71
CA ILE A 250 -6.89 1.42 15.56
C ILE A 250 -6.21 2.72 15.08
N ASP A 251 -4.93 2.62 14.69
CA ASP A 251 -4.12 3.81 14.42
C ASP A 251 -4.39 4.44 13.07
N GLY A 252 -4.85 3.66 12.09
CA GLY A 252 -5.13 4.18 10.78
C GLY A 252 -5.77 3.18 9.84
N LEU A 253 -6.11 3.67 8.65
CA LEU A 253 -6.73 2.88 7.58
C LEU A 253 -5.95 3.00 6.29
N ILE A 254 -5.91 1.91 5.52
CA ILE A 254 -5.35 1.92 4.16
C ILE A 254 -6.53 1.67 3.23
N VAL A 255 -6.70 2.62 2.31
CA VAL A 255 -7.91 2.73 1.48
C VAL A 255 -7.41 3.01 0.04
N THR A 256 -7.39 2.05 -0.89
CA THR A 256 -7.95 0.70 -0.84
C THR A 256 -7.02 -0.36 -1.46
N ASN A 257 -7.41 -1.61 -1.24
CA ASN A 257 -6.91 -2.76 -1.96
C ASN A 257 -7.51 -2.73 -3.38
N THR A 258 -7.22 -3.78 -4.13
CA THR A 258 -7.82 -4.01 -5.46
C THR A 258 -9.31 -4.30 -5.40
N THR A 259 -9.96 -4.14 -6.55
CA THR A 259 -11.37 -4.38 -6.68
C THR A 259 -11.69 -5.69 -7.43
N VAL A 260 -12.64 -6.43 -6.89
CA VAL A 260 -13.26 -7.54 -7.59
C VAL A 260 -14.36 -7.13 -8.59
N SER A 261 -14.75 -5.85 -8.62
CA SER A 261 -15.67 -5.33 -9.62
C SER A 261 -14.92 -5.16 -10.95
N ARG A 262 -15.70 -4.99 -12.00
CA ARG A 262 -15.19 -4.73 -13.34
C ARG A 262 -15.97 -3.52 -13.83
N PRO A 263 -15.41 -2.31 -13.62
CA PRO A 263 -16.11 -1.11 -14.05
C PRO A 263 -16.43 -1.15 -15.51
N ALA A 264 -17.58 -0.61 -15.87
CA ALA A 264 -17.95 -0.45 -17.26
C ALA A 264 -16.82 0.29 -18.01
N GLY A 265 -16.57 -0.09 -19.26
CA GLY A 265 -15.58 0.58 -20.09
C GLY A 265 -14.21 -0.05 -20.22
N LEU A 266 -13.90 -1.10 -19.43
CA LEU A 266 -12.64 -1.84 -19.60
C LEU A 266 -12.54 -2.41 -21.01
N GLN A 267 -11.41 -2.17 -21.65
CA GLN A 267 -11.11 -2.62 -23.01
C GLN A 267 -10.16 -3.78 -23.15
N GLY A 268 -9.32 -4.01 -22.15
CA GLY A 268 -8.31 -5.08 -22.18
C GLY A 268 -8.96 -6.41 -22.54
N ALA A 269 -8.32 -7.19 -23.39
CA ALA A 269 -8.79 -8.55 -23.73
C ALA A 269 -8.94 -9.46 -22.48
N LEU A 270 -8.15 -9.20 -21.43
CA LEU A 270 -8.09 -10.02 -20.22
C LEU A 270 -9.00 -9.52 -19.08
N ARG A 271 -9.94 -8.63 -19.39
CA ARG A 271 -10.83 -8.02 -18.38
C ARG A 271 -11.70 -9.00 -17.57
N SER A 272 -11.98 -10.18 -18.13
CA SER A 272 -12.82 -11.20 -17.46
C SER A 272 -12.04 -12.26 -16.67
N GLU A 273 -10.74 -12.11 -16.57
CA GLU A 273 -9.91 -12.93 -15.68
C GLU A 273 -10.33 -12.64 -14.23
N THR A 274 -10.43 -13.70 -13.43
CA THR A 274 -10.63 -13.61 -11.96
C THR A 274 -9.47 -12.89 -11.29
N GLY A 275 -9.81 -12.05 -10.30
CA GLY A 275 -8.85 -11.46 -9.40
C GLY A 275 -9.11 -10.00 -9.11
N GLY A 276 -8.14 -9.39 -8.49
CA GLY A 276 -8.19 -8.00 -8.11
C GLY A 276 -7.68 -7.09 -9.22
N LEU A 277 -8.48 -6.07 -9.55
CA LEU A 277 -8.15 -5.05 -10.55
C LEU A 277 -7.53 -3.83 -9.86
N SER A 278 -6.42 -3.35 -10.41
CA SER A 278 -5.66 -2.20 -9.91
C SER A 278 -5.40 -1.22 -11.05
N GLY A 279 -4.81 -0.06 -10.73
CA GLY A 279 -4.50 0.93 -11.74
C GLY A 279 -5.61 1.93 -11.98
N LYS A 280 -5.61 2.53 -13.15
CA LYS A 280 -6.46 3.69 -13.45
CA LYS A 280 -6.47 3.69 -13.47
C LYS A 280 -7.96 3.48 -13.22
N PRO A 281 -8.51 2.27 -13.59
CA PRO A 281 -9.94 2.05 -13.31
C PRO A 281 -10.36 2.01 -11.84
N LEU A 282 -9.40 1.79 -10.95
CA LEU A 282 -9.63 1.82 -9.53
C LEU A 282 -9.58 3.24 -8.93
N ARG A 283 -8.98 4.20 -9.66
CA ARG A 283 -8.57 5.47 -9.03
C ARG A 283 -9.69 6.18 -8.30
N ASP A 284 -10.76 6.50 -9.02
CA ASP A 284 -11.84 7.32 -8.44
C ASP A 284 -12.73 6.55 -7.45
N LEU A 285 -12.91 5.24 -7.66
CA LEU A 285 -13.49 4.37 -6.64
C LEU A 285 -12.73 4.42 -5.31
N SER A 286 -11.40 4.37 -5.38
CA SER A 286 -10.53 4.50 -4.20
CA SER A 286 -10.55 4.50 -4.18
C SER A 286 -10.69 5.87 -3.54
N THR A 287 -10.62 6.92 -4.35
CA THR A 287 -10.75 8.30 -3.85
C THR A 287 -12.08 8.54 -3.14
N GLN A 288 -13.16 8.05 -3.74
CA GLN A 288 -14.48 8.14 -3.09
C GLN A 288 -14.56 7.35 -1.77
N THR A 289 -13.90 6.20 -1.72
CA THR A 289 -13.83 5.42 -0.47
C THR A 289 -13.04 6.16 0.63
N ILE A 290 -11.94 6.85 0.27
CA ILE A 290 -11.19 7.71 1.21
C ILE A 290 -12.10 8.78 1.79
N ARG A 291 -12.82 9.47 0.89
CA ARG A 291 -13.75 10.54 1.25
C ARG A 291 -14.78 10.08 2.30
N GLU A 292 -15.36 8.91 2.04
CA GLU A 292 -16.35 8.31 2.94
C GLU A 292 -15.74 7.91 4.30
N MET A 293 -14.58 7.26 4.28
CA MET A 293 -13.95 6.80 5.52
C MET A 293 -13.44 7.96 6.38
N TYR A 294 -12.92 9.01 5.74
CA TYR A 294 -12.53 10.24 6.46
C TYR A 294 -13.71 10.85 7.18
N ALA A 295 -14.84 10.99 6.47
CA ALA A 295 -16.08 11.54 7.07
C ALA A 295 -16.62 10.67 8.22
N LEU A 296 -16.67 9.35 8.02
CA LEU A 296 -17.13 8.42 9.06
C LEU A 296 -16.25 8.35 10.32
N THR A 297 -14.96 8.69 10.19
CA THR A 297 -14.05 8.79 11.33
C THR A 297 -13.77 10.24 11.79
N GLN A 298 -14.54 11.21 11.28
CA GLN A 298 -14.48 12.62 11.68
C GLN A 298 -13.09 13.26 11.46
N GLY A 299 -12.34 12.76 10.47
CA GLY A 299 -10.97 13.20 10.22
C GLY A 299 -9.94 12.90 11.31
N ARG A 300 -10.27 12.02 12.26
CA ARG A 300 -9.42 11.70 13.44
C ARG A 300 -8.60 10.42 13.27
N VAL A 301 -8.76 9.68 12.16
CA VAL A 301 -8.05 8.43 11.91
C VAL A 301 -7.23 8.63 10.63
N PRO A 302 -5.88 8.63 10.72
CA PRO A 302 -5.05 8.76 9.50
C PRO A 302 -5.36 7.71 8.43
N ILE A 303 -5.41 8.18 7.19
CA ILE A 303 -5.69 7.33 6.04
C ILE A 303 -4.49 7.35 5.11
N ILE A 304 -4.08 6.17 4.67
CA ILE A 304 -3.14 6.00 3.54
C ILE A 304 -4.00 5.70 2.31
N GLY A 305 -3.90 6.57 1.31
CA GLY A 305 -4.74 6.51 0.12
C GLY A 305 -4.04 5.75 -0.99
N VAL A 306 -4.71 4.79 -1.61
CA VAL A 306 -4.06 3.95 -2.63
C VAL A 306 -5.08 3.45 -3.64
N GLY A 307 -4.65 3.47 -4.90
CA GLY A 307 -5.45 2.98 -6.02
C GLY A 307 -5.37 3.93 -7.20
N GLY A 308 -4.68 3.50 -8.26
CA GLY A 308 -4.61 4.27 -9.49
C GLY A 308 -3.83 5.58 -9.50
N VAL A 309 -2.92 5.81 -8.54
CA VAL A 309 -2.10 7.02 -8.52
C VAL A 309 -0.97 6.90 -9.55
N SER A 310 -0.95 7.82 -10.53
CA SER A 310 0.19 7.95 -11.47
C SER A 310 0.64 9.40 -11.74
N SER A 311 0.10 10.38 -11.03
CA SER A 311 0.45 11.78 -11.21
C SER A 311 0.28 12.51 -9.90
N GLY A 312 0.84 13.72 -9.88
CA GLY A 312 0.65 14.66 -8.78
C GLY A 312 -0.81 14.98 -8.55
N GLN A 313 -1.56 15.18 -9.65
CA GLN A 313 -3.00 15.44 -9.52
C GLN A 313 -3.70 14.28 -8.79
N ASP A 314 -3.43 13.05 -9.21
CA ASP A 314 -4.02 11.84 -8.59
C ASP A 314 -3.69 11.80 -7.07
N ALA A 315 -2.43 12.08 -6.74
CA ALA A 315 -2.00 12.09 -5.31
C ALA A 315 -2.73 13.20 -4.54
N LEU A 316 -2.76 14.40 -5.11
CA LEU A 316 -3.44 15.54 -4.45
C LEU A 316 -4.94 15.32 -4.26
N GLU A 317 -5.61 14.72 -5.24
CA GLU A 317 -7.05 14.39 -5.07
C GLU A 317 -7.31 13.47 -3.84
N LYS A 318 -6.46 12.46 -3.67
CA LYS A 318 -6.55 11.57 -2.49
C LYS A 318 -6.25 12.31 -1.17
N ILE A 319 -5.23 13.13 -1.16
CA ILE A 319 -4.87 13.97 0.01
C ILE A 319 -6.00 14.90 0.40
N ARG A 320 -6.52 15.65 -0.56
CA ARG A 320 -7.66 16.53 -0.32
C ARG A 320 -8.95 15.79 0.14
N ALA A 321 -9.13 14.56 -0.30
CA ALA A 321 -10.24 13.70 0.10
C ALA A 321 -10.10 13.15 1.53
N GLY A 322 -8.90 13.23 2.07
CA GLY A 322 -8.59 12.84 3.45
C GLY A 322 -7.38 11.99 3.70
N ALA A 323 -6.63 11.61 2.67
CA ALA A 323 -5.38 10.84 2.89
C ALA A 323 -4.23 11.69 3.44
N SER A 324 -3.55 11.19 4.48
CA SER A 324 -2.30 11.79 4.98
C SER A 324 -1.07 11.34 4.17
N LEU A 325 -1.13 10.13 3.62
CA LEU A 325 -0.06 9.56 2.81
C LEU A 325 -0.71 8.86 1.63
N VAL A 326 0.04 8.63 0.57
CA VAL A 326 -0.45 7.83 -0.57
C VAL A 326 0.53 6.70 -0.89
N GLN A 327 0.03 5.66 -1.55
CA GLN A 327 0.87 4.63 -2.12
C GLN A 327 0.50 4.41 -3.58
N LEU A 328 1.45 3.80 -4.27
CA LEU A 328 1.22 3.33 -5.65
C LEU A 328 1.95 2.02 -5.87
N TYR A 329 1.44 1.25 -6.84
CA TYR A 329 2.16 0.12 -7.37
C TYR A 329 1.98 0.09 -8.89
N THR A 330 0.77 -0.11 -9.35
CA THR A 330 0.50 -0.39 -10.79
C THR A 330 1.15 0.60 -11.77
N ALA A 331 1.14 1.88 -11.42
CA ALA A 331 1.85 2.90 -12.24
C ALA A 331 3.32 2.55 -12.56
N LEU A 332 4.02 1.92 -11.61
CA LEU A 332 5.40 1.43 -11.83
CA LEU A 332 5.40 1.47 -11.80
C LEU A 332 5.53 0.46 -12.97
N THR A 333 4.50 -0.35 -13.20
CA THR A 333 4.52 -1.36 -14.25
C THR A 333 4.47 -0.73 -15.65
N PHE A 334 3.89 0.46 -15.77
CA PHE A 334 3.81 1.18 -17.03
C PHE A 334 4.86 2.27 -17.21
N TRP A 335 5.19 2.99 -16.14
CA TRP A 335 6.13 4.13 -16.21
C TRP A 335 7.54 3.79 -15.74
N GLY A 336 7.72 2.72 -14.98
CA GLY A 336 8.99 2.39 -14.38
C GLY A 336 9.37 3.31 -13.22
N PRO A 337 10.59 3.15 -12.67
CA PRO A 337 11.08 3.98 -11.56
C PRO A 337 10.92 5.52 -11.64
N PRO A 338 11.00 6.13 -12.85
CA PRO A 338 10.81 7.59 -12.91
C PRO A 338 9.43 8.14 -12.47
N VAL A 339 8.40 7.28 -12.38
CA VAL A 339 7.09 7.71 -11.86
C VAL A 339 7.11 8.29 -10.45
N VAL A 340 8.05 7.83 -9.61
CA VAL A 340 8.11 8.25 -8.20
C VAL A 340 8.47 9.75 -8.14
N GLY A 341 9.58 10.13 -8.77
CA GLY A 341 9.97 11.53 -8.93
C GLY A 341 8.94 12.38 -9.65
N LYS A 342 8.26 11.83 -10.65
CA LYS A 342 7.19 12.54 -11.36
C LYS A 342 6.04 12.95 -10.41
N VAL A 343 5.54 11.99 -9.65
CA VAL A 343 4.42 12.21 -8.70
C VAL A 343 4.83 13.27 -7.69
N LYS A 344 6.03 13.12 -7.11
CA LYS A 344 6.52 14.08 -6.09
C LYS A 344 6.68 15.50 -6.61
N ARG A 345 7.30 15.66 -7.78
CA ARG A 345 7.50 16.96 -8.41
C ARG A 345 6.15 17.64 -8.77
N GLU A 346 5.24 16.88 -9.38
CA GLU A 346 3.90 17.38 -9.74
C GLU A 346 3.05 17.74 -8.51
N LEU A 347 3.17 16.93 -7.47
CA LEU A 347 2.46 17.18 -6.21
C LEU A 347 2.94 18.50 -5.57
N GLU A 348 4.26 18.68 -5.49
CA GLU A 348 4.86 19.95 -4.99
C GLU A 348 4.36 21.17 -5.80
N ALA A 349 4.40 21.06 -7.12
CA ALA A 349 3.92 22.12 -7.98
C ALA A 349 2.44 22.47 -7.75
N LEU A 350 1.58 21.46 -7.65
CA LEU A 350 0.14 21.66 -7.42
C LEU A 350 -0.15 22.25 -6.03
N LEU A 351 0.58 21.82 -5.00
CA LEU A 351 0.46 22.43 -3.67
C LEU A 351 0.74 23.93 -3.70
N LYS A 352 1.81 24.32 -4.40
CA LYS A 352 2.16 25.74 -4.62
C LYS A 352 1.08 26.49 -5.40
N GLU A 353 0.61 25.90 -6.50
CA GLU A 353 -0.47 26.50 -7.32
C GLU A 353 -1.78 26.74 -6.54
N GLN A 354 -2.12 25.83 -5.61
CA GLN A 354 -3.36 25.92 -4.84
C GLN A 354 -3.24 26.70 -3.51
N GLY A 355 -2.05 27.22 -3.19
CA GLY A 355 -1.82 28.04 -2.02
C GLY A 355 -1.59 27.30 -0.69
N PHE A 356 -1.27 26.02 -0.74
CA PHE A 356 -0.96 25.24 0.47
C PHE A 356 0.49 25.47 0.85
N GLY A 357 0.74 25.65 2.14
CA GLY A 357 2.10 25.73 2.69
C GLY A 357 2.87 24.41 2.62
N GLY A 358 2.15 23.30 2.72
CA GLY A 358 2.72 21.97 2.49
C GLY A 358 1.62 20.95 2.38
N VAL A 359 2.04 19.69 2.27
CA VAL A 359 1.13 18.54 2.21
C VAL A 359 0.15 18.54 3.39
N THR A 360 0.66 18.83 4.59
CA THR A 360 -0.15 18.81 5.82
C THR A 360 -1.42 19.65 5.73
N ASP A 361 -1.30 20.85 5.16
CA ASP A 361 -2.42 21.80 5.05
C ASP A 361 -3.50 21.33 4.08
N ALA A 362 -3.14 20.48 3.12
CA ALA A 362 -4.08 19.94 2.13
C ALA A 362 -4.87 18.73 2.60
N ILE A 363 -4.43 18.06 3.68
CA ILE A 363 -5.06 16.81 4.12
C ILE A 363 -6.52 17.09 4.52
N GLY A 364 -7.46 16.47 3.79
CA GLY A 364 -8.88 16.65 4.05
C GLY A 364 -9.48 17.98 3.64
N ALA A 365 -8.75 18.78 2.84
CA ALA A 365 -9.19 20.14 2.50
C ALA A 365 -10.52 20.21 1.75
N ASP A 366 -10.91 19.15 1.02
CA ASP A 366 -12.24 19.13 0.37
C ASP A 366 -13.40 19.13 1.38
N HIS A 367 -13.16 18.61 2.60
CA HIS A 367 -14.19 18.55 3.65
C HIS A 367 -14.44 19.86 4.39
N ARG A 368 -13.53 20.82 4.22
CA ARG A 368 -13.59 22.13 4.90
C ARG A 368 -13.92 23.26 3.90
N ARG A 369 -14.63 22.94 2.82
CA ARG A 369 -15.02 23.91 1.78
C ARG A 369 -16.34 24.60 2.20
N1 FMN B . -2.21 -5.62 -1.22
C2 FMN B . -1.97 -6.24 -0.04
O2 FMN B . -2.49 -5.71 0.97
N3 FMN B . -1.25 -7.37 0.04
C4 FMN B . -0.69 -7.98 -1.03
O4 FMN B . 0.00 -9.00 -0.90
C4A FMN B . -0.89 -7.38 -2.37
N5 FMN B . -0.38 -7.93 -3.52
C5A FMN B . -0.58 -7.31 -4.72
C6 FMN B . -0.03 -7.85 -5.89
C7 FMN B . -0.21 -7.23 -7.14
C7M FMN B . 0.43 -7.85 -8.36
C8 FMN B . -0.98 -5.98 -7.24
C8M FMN B . -1.24 -5.24 -8.53
C9 FMN B . -1.51 -5.44 -6.08
C9A FMN B . -1.35 -6.04 -4.82
N10 FMN B . -1.92 -5.48 -3.63
C10 FMN B . -1.69 -6.12 -2.39
C1' FMN B . -2.73 -4.27 -3.63
C2' FMN B . -1.91 -2.99 -3.67
O2' FMN B . -1.19 -2.88 -2.43
C3' FMN B . -2.79 -1.77 -3.86
O3' FMN B . -3.71 -1.67 -2.75
C4' FMN B . -3.61 -1.76 -5.16
O4' FMN B . -2.92 -2.43 -6.24
C5' FMN B . -4.01 -0.37 -5.60
O5' FMN B . -2.89 0.45 -5.93
P FMN B . -2.37 0.63 -7.47
O1P FMN B . -1.65 -0.65 -7.83
O2P FMN B . -3.60 0.94 -8.27
O3P FMN B . -1.45 1.81 -7.32
N1 ORO C . -3.70 -9.46 -4.43
C2 ORO C . -4.27 -8.28 -4.19
O2 ORO C . -4.67 -7.57 -5.14
N3 ORO C . -4.43 -7.86 -2.91
C4 ORO C . -4.02 -8.59 -1.85
O4 ORO C . -4.20 -8.16 -0.67
C5 ORO C . -3.40 -9.83 -2.11
C6 ORO C . -3.24 -10.24 -3.43
C7 ORO C . -2.67 -11.57 -3.76
O71 ORO C . -1.66 -12.04 -3.21
O72 ORO C . -3.35 -12.26 -4.58
C1 T6L D . 2.23 -6.49 -11.53
C2 T6L D . 3.49 -7.28 -11.88
C4 T6L D . 5.43 -5.70 -12.01
C8 T6L D . 4.48 -6.17 -13.93
C11 T6L D . 7.12 -4.16 -12.90
O14 T6L D . 10.13 -3.77 -14.79
C15 T6L D . 10.16 -4.97 -15.56
C17 T6L D . 9.51 -4.74 -16.94
C18 T6L D . 11.62 -5.35 -15.64
C23 T6L D . 8.36 -2.37 -11.89
C24 T6L D . 7.24 -3.16 -11.92
C30 T6L D . 13.68 -1.59 -12.09
C32 T6L D . 14.94 -1.01 -11.95
C33 T6L D . 15.50 -0.33 -13.03
C34 T6L D . 14.83 -0.21 -14.23
C35 T6L D . 13.57 -0.79 -14.36
N3 T6L D . 4.43 -6.40 -12.58
O5 T6L D . 5.70 -5.69 -10.81
N6 T6L D . 6.06 -5.01 -13.00
N7 T6L D . 5.43 -5.35 -14.21
C9 T6L D . 3.60 -6.78 -14.98
O10 T6L D . 2.26 -6.36 -14.87
N12 T6L D . 8.09 -4.30 -13.81
C13 T6L D . 9.18 -3.56 -13.83
F19 T6L D . 11.72 -6.51 -16.38
F20 T6L D . 12.10 -5.55 -14.34
F21 T6L D . 12.35 -4.32 -16.21
C22 T6L D . 9.37 -2.52 -12.87
F25 T6L D . 6.27 -2.98 -11.00
C26 T6L D . 10.59 -1.69 -12.76
O27 T6L D . 10.61 -0.74 -12.01
N28 T6L D . 11.73 -2.08 -13.41
C29 T6L D . 12.97 -1.46 -13.30
F31 T6L D . 13.11 -2.26 -11.05
CL36 T6L D . 12.75 -0.64 -15.84
C ACT E . -10.12 5.64 -16.29
C ACT E . -10.49 6.49 -16.22
O ACT E . -10.13 4.49 -15.80
O ACT E . -10.50 6.20 -17.45
OXT ACT E . -11.17 6.27 -16.51
OXT ACT E . -10.00 7.56 -15.81
CH3 ACT E . -8.80 6.28 -16.62
CH3 ACT E . -11.11 5.53 -15.24
C1 GOL F . 6.06 -12.23 -6.29
O1 GOL F . 6.43 -12.15 -4.93
C2 GOL F . 7.08 -13.10 -7.00
O2 GOL F . 8.32 -12.38 -7.02
C3 GOL F . 6.61 -13.40 -8.43
O3 GOL F . 7.02 -14.69 -8.89
C1 GOL G . -2.65 14.20 9.72
O1 GOL G . -2.93 12.80 9.78
C2 GOL G . -1.21 14.42 10.14
O2 GOL G . -1.06 14.11 11.53
C3 GOL G . -0.81 15.88 9.92
O3 GOL G . -1.61 16.77 10.71
C1 GOL H . -5.85 18.98 8.72
O1 GOL H . -5.08 19.52 7.64
C2 GOL H . -5.59 17.48 8.85
O2 GOL H . -4.25 17.32 9.35
C3 GOL H . -6.58 16.75 9.77
O3 GOL H . -7.23 15.61 9.17
S SO4 I . 0.30 1.52 23.02
O1 SO4 I . 0.35 0.30 23.86
O2 SO4 I . 1.43 2.42 23.39
O3 SO4 I . -0.98 2.22 23.23
O4 SO4 I . 0.43 1.15 21.59
C1 GOL J . -1.12 -8.47 28.42
O1 GOL J . -0.31 -9.50 28.98
C2 GOL J . -0.99 -8.48 26.90
O2 GOL J . -1.19 -9.80 26.35
C3 GOL J . -2.01 -7.50 26.30
O3 GOL J . -1.38 -6.33 25.73
S SO4 K . 8.37 -2.15 28.20
O1 SO4 K . 8.36 -1.53 29.55
O2 SO4 K . 7.96 -3.57 28.31
O3 SO4 K . 9.73 -2.07 27.62
O4 SO4 K . 7.42 -1.43 27.34
S SO4 L . 14.90 -3.19 23.78
O1 SO4 L . 15.74 -3.93 24.75
O2 SO4 L . 14.77 -1.78 24.24
O3 SO4 L . 13.56 -3.81 23.72
O4 SO4 L . 15.54 -3.22 22.45
C1 GOL M . 10.81 9.41 13.40
O1 GOL M . 10.14 8.81 12.29
C2 GOL M . 11.17 8.36 14.46
O2 GOL M . 12.43 8.67 15.06
C3 GOL M . 10.07 8.27 15.53
O3 GOL M . 10.18 9.30 16.54
C ACT N . 12.29 0.99 13.03
O ACT N . 12.09 2.10 13.56
OXT ACT N . 13.32 0.77 12.41
CH3 ACT N . 11.26 -0.09 13.14
S SO4 O . 8.07 2.14 16.53
O1 SO4 O . 8.18 2.63 17.92
O2 SO4 O . 8.46 0.71 16.48
O3 SO4 O . 8.98 2.91 15.65
O4 SO4 O . 6.67 2.29 16.05
C ACT P . 13.10 -18.73 0.35
O ACT P . 12.31 -18.86 1.31
OXT ACT P . 13.61 -17.63 0.06
CH3 ACT P . 13.43 -19.95 -0.47
C ACT Q . -0.53 -23.62 3.91
O ACT Q . 0.00 -24.00 4.97
OXT ACT Q . -1.60 -22.96 3.89
CH3 ACT Q . 0.13 -23.96 2.61
S SO4 R . -4.87 0.54 22.42
O1 SO4 R . -5.96 0.09 23.33
O2 SO4 R . -3.83 1.23 23.22
O3 SO4 R . -5.42 1.47 21.41
O4 SO4 R . -4.28 -0.63 21.75
C1 GOL S . 4.22 -20.36 11.57
O1 GOL S . 3.37 -21.38 12.11
C2 GOL S . 5.26 -19.94 12.61
O2 GOL S . 6.40 -20.78 12.48
C3 GOL S . 5.65 -18.46 12.40
O3 GOL S . 6.94 -18.14 12.95
C1 GOL T . -23.43 3.35 14.96
O1 GOL T . -22.59 4.51 14.94
C2 GOL T . -23.10 2.44 13.76
O2 GOL T . -24.30 2.04 13.10
C3 GOL T . -22.40 1.18 14.24
O3 GOL T . -22.09 0.28 13.15
C1 GOL U . -15.95 -5.87 -18.18
O1 GOL U . -16.52 -4.60 -17.82
C2 GOL U . -16.63 -7.05 -17.49
O2 GOL U . -17.73 -7.51 -18.28
C3 GOL U . -15.63 -8.19 -17.33
O3 GOL U . -16.20 -9.42 -16.82
#